data_4X81
#
_entry.id   4X81
#
_cell.length_a   50.269
_cell.length_b   91.747
_cell.length_c   127.774
_cell.angle_alpha   90.00
_cell.angle_beta   90.00
_cell.angle_gamma   90.00
#
_symmetry.space_group_name_H-M   'P 21 21 21'
#
loop_
_entity.id
_entity.type
_entity.pdbx_description
1 polymer "Mycinamicin III 3''-O-methyltransferase"
2 non-polymer S-ADENOSYL-L-HOMOCYSTEINE
3 non-polymer 'DIMETHYL SULFOXIDE'
4 non-polymer 'MAGNESIUM ION'
5 non-polymer 'Mycinamicin VI'
6 water water
#
_entity_poly.entity_id   1
_entity_poly.type   'polypeptide(L)'
_entity_poly.pdbx_seq_one_letter_code
;MGSSHHHHHHSSGLVPRGSHMSPSTGVELYLDLLKRTVSNFIYQDATHVAGLITQAAFVEEARESGEDYPTVAHTAIGMK
RLNNLQHCVESALRDGVPGDVLETGVWRGGACIFARGILKAYDVRDRTVWVADSFQGFPKITDDDHPMDAEMNLHQYNAA
VDLPTSLATVQRNFSRYGLLDDQVRFLPGWFKDTMPTAPFERLAVLRMDGDSYGATMDVLTHAYPRLSPGGFAIIDDYCI
PACREAVHEYRDRHGISDEIVEIDRQGVYWRRSA
;
_entity_poly.pdbx_strand_id   A,B
#
loop_
_chem_comp.id
_chem_comp.type
_chem_comp.name
_chem_comp.formula
DMS non-polymer 'DIMETHYL SULFOXIDE' 'C2 H6 O S'
MG non-polymer 'MAGNESIUM ION' 'Mg 2'
MVI non-polymer 'Mycinamicin VI' 'C35 H57 N O11'
#
# COMPACT_ATOMS: atom_id res chain seq x y z
N SER A 24 16.61 6.26 -7.18
CA SER A 24 15.10 6.15 -7.12
C SER A 24 14.45 7.52 -6.84
N THR A 25 13.79 8.05 -7.88
CA THR A 25 13.11 9.34 -7.80
C THR A 25 11.78 9.16 -7.08
N GLY A 26 11.14 10.27 -6.75
CA GLY A 26 9.82 10.23 -6.11
C GLY A 26 8.81 9.46 -6.97
N VAL A 27 8.79 9.76 -8.27
CA VAL A 27 7.88 9.08 -9.19
C VAL A 27 8.12 7.56 -9.19
N GLU A 28 9.37 7.15 -9.30
CA GLU A 28 9.70 5.72 -9.35
C GLU A 28 9.27 5.03 -8.06
N LEU A 29 9.51 5.68 -6.92
CA LEU A 29 9.14 5.13 -5.63
C LEU A 29 7.62 5.01 -5.49
N TYR A 30 6.89 6.06 -5.89
CA TYR A 30 5.42 6.02 -5.85
C TYR A 30 4.86 4.88 -6.71
N LEU A 31 5.30 4.78 -7.96
CA LEU A 31 4.70 3.78 -8.86
C LEU A 31 5.07 2.36 -8.44
N ASP A 32 6.29 2.18 -7.94
CA ASP A 32 6.71 0.90 -7.39
C ASP A 32 5.84 0.51 -6.21
N LEU A 33 5.61 1.45 -5.29
CA LEU A 33 4.77 1.16 -4.14
C LEU A 33 3.32 0.91 -4.56
N LEU A 34 2.84 1.67 -5.53
CA LEU A 34 1.46 1.51 -5.99
C LEU A 34 1.26 0.10 -6.56
N LYS A 35 2.23 -0.42 -7.31
CA LYS A 35 2.13 -1.78 -7.81
C LYS A 35 2.10 -2.82 -6.68
N ARG A 36 2.99 -2.67 -5.70
CA ARG A 36 3.04 -3.55 -4.54
C ARG A 36 1.75 -3.48 -3.73
N THR A 37 1.11 -2.31 -3.73
CA THR A 37 -0.10 -2.13 -2.94
C THR A 37 -1.35 -2.70 -3.63
N VAL A 38 -1.59 -2.33 -4.89
CA VAL A 38 -2.75 -2.88 -5.60
C VAL A 38 -2.73 -4.41 -5.72
N SER A 39 -1.54 -4.99 -5.85
CA SER A 39 -1.39 -6.45 -5.88
C SER A 39 -1.27 -7.09 -4.49
N ASN A 40 -1.21 -6.23 -3.47
CA ASN A 40 -1.06 -6.60 -2.08
C ASN A 40 0.12 -7.54 -1.78
N PHE A 41 1.26 -7.24 -2.38
CA PHE A 41 2.52 -7.80 -1.93
C PHE A 41 2.87 -7.31 -0.52
N ILE A 42 2.24 -6.21 -0.10
CA ILE A 42 2.50 -5.68 1.23
C ILE A 42 1.97 -6.59 2.35
N TYR A 43 0.71 -6.96 2.29
CA TYR A 43 0.08 -7.75 3.34
C TYR A 43 -0.15 -9.23 2.97
N GLN A 44 -0.04 -9.57 1.68
CA GLN A 44 0.04 -10.97 1.24
C GLN A 44 -1.18 -11.80 1.61
N ASP A 45 -2.33 -11.36 1.10
CA ASP A 45 -3.60 -12.01 1.35
C ASP A 45 -3.65 -13.38 0.68
N ALA A 46 -4.38 -14.29 1.33
CA ALA A 46 -4.67 -15.59 0.80
C ALA A 46 -5.36 -15.53 -0.56
N THR A 47 -5.22 -16.61 -1.31
CA THR A 47 -5.96 -16.80 -2.55
C THR A 47 -7.18 -17.70 -2.33
N HIS A 48 -8.22 -17.47 -3.12
CA HIS A 48 -9.33 -18.42 -3.22
C HIS A 48 -8.79 -19.69 -3.83
N VAL A 49 -9.40 -20.81 -3.47
CA VAL A 49 -9.06 -22.12 -4.03
C VAL A 49 -10.01 -22.39 -5.18
N ALA A 50 -9.49 -22.38 -6.40
CA ALA A 50 -10.28 -22.50 -7.64
C ALA A 50 -9.35 -22.79 -8.80
N GLY A 51 -9.91 -23.33 -9.89
CA GLY A 51 -9.11 -23.71 -11.05
C GLY A 51 -7.95 -24.61 -10.65
N LEU A 52 -6.74 -24.23 -11.04
CA LEU A 52 -5.55 -25.01 -10.73
C LEU A 52 -4.94 -24.68 -9.36
N ILE A 53 -5.42 -23.62 -8.70
CA ILE A 53 -4.94 -23.24 -7.38
C ILE A 53 -5.61 -24.14 -6.34
N THR A 54 -4.84 -24.99 -5.66
CA THR A 54 -5.43 -26.00 -4.76
C THR A 54 -5.29 -25.69 -3.27
N GLN A 55 -4.55 -24.63 -2.93
CA GLN A 55 -4.36 -24.23 -1.55
C GLN A 55 -4.55 -22.72 -1.41
N ALA A 56 -4.95 -22.28 -0.21
CA ALA A 56 -5.23 -20.85 0.04
C ALA A 56 -3.98 -19.99 0.25
N ALA A 57 -2.87 -20.61 0.64
CA ALA A 57 -1.69 -19.84 1.02
C ALA A 57 -1.25 -18.84 -0.05
N PHE A 58 -0.84 -17.66 0.39
CA PHE A 58 -0.12 -16.72 -0.48
C PHE A 58 1.18 -17.38 -0.95
N VAL A 59 1.40 -17.37 -2.26
CA VAL A 59 2.64 -17.89 -2.86
C VAL A 59 3.21 -16.74 -3.68
N GLU A 60 4.43 -16.35 -3.35
CA GLU A 60 5.05 -15.19 -3.96
C GLU A 60 5.12 -15.29 -5.49
N GLU A 61 5.56 -16.44 -6.00
CA GLU A 61 5.68 -16.62 -7.45
C GLU A 61 4.34 -16.50 -8.16
N ALA A 62 3.28 -16.95 -7.52
CA ALA A 62 1.93 -16.89 -8.11
C ALA A 62 1.46 -15.45 -8.18
N ARG A 63 1.66 -14.67 -7.11
CA ARG A 63 1.26 -13.26 -7.13
C ARG A 63 2.13 -12.43 -8.09
N GLU A 64 3.41 -12.76 -8.18
CA GLU A 64 4.33 -12.08 -9.09
C GLU A 64 3.89 -12.21 -10.56
N SER A 65 3.37 -13.39 -10.93
CA SER A 65 2.92 -13.61 -12.31
C SER A 65 1.39 -13.56 -12.46
N GLY A 66 0.67 -13.15 -11.42
CA GLY A 66 -0.78 -12.89 -11.53
C GLY A 66 -1.60 -14.14 -11.73
N GLU A 67 -1.21 -15.22 -11.07
CA GLU A 67 -1.81 -16.52 -11.38
C GLU A 67 -2.81 -17.00 -10.36
N ASP A 68 -2.95 -16.26 -9.26
CA ASP A 68 -3.88 -16.64 -8.20
C ASP A 68 -5.14 -15.76 -8.19
N TYR A 69 -5.98 -15.94 -7.17
CA TYR A 69 -7.31 -15.34 -7.09
C TYR A 69 -7.40 -14.66 -5.74
N PRO A 70 -6.83 -13.44 -5.64
CA PRO A 70 -6.67 -12.81 -4.33
C PRO A 70 -7.98 -12.64 -3.57
N THR A 71 -7.97 -12.97 -2.28
CA THR A 71 -9.15 -12.76 -1.44
C THR A 71 -9.40 -11.29 -1.15
N VAL A 72 -8.34 -10.48 -1.15
CA VAL A 72 -8.41 -9.06 -0.77
C VAL A 72 -7.81 -8.07 -1.79
N ALA A 73 -6.74 -8.46 -2.48
CA ALA A 73 -6.03 -7.53 -3.34
C ALA A 73 -6.95 -6.88 -4.39
N HIS A 74 -6.64 -5.64 -4.76
CA HIS A 74 -7.45 -4.93 -5.73
C HIS A 74 -7.24 -5.30 -7.19
N THR A 75 -6.13 -5.97 -7.49
CA THR A 75 -5.95 -6.56 -8.82
C THR A 75 -5.41 -7.98 -8.72
N ALA A 76 -5.75 -8.77 -9.73
CA ALA A 76 -5.25 -10.12 -9.87
C ALA A 76 -4.19 -10.24 -10.95
N ILE A 77 -3.84 -9.15 -11.64
CA ILE A 77 -2.96 -9.30 -12.83
C ILE A 77 -1.49 -9.54 -12.51
N GLY A 78 -1.08 -9.31 -11.28
CA GLY A 78 0.27 -9.58 -10.88
C GLY A 78 1.30 -8.53 -11.26
N MET A 79 2.51 -8.69 -10.72
N MET A 79 2.51 -8.69 -10.72
CA MET A 79 3.56 -7.71 -10.93
CA MET A 79 3.57 -7.71 -10.93
C MET A 79 4.05 -7.61 -12.38
C MET A 79 4.06 -7.61 -12.39
N LYS A 80 4.18 -8.74 -13.08
CA LYS A 80 4.68 -8.67 -14.48
C LYS A 80 3.71 -7.92 -15.41
N ARG A 81 2.41 -8.15 -15.23
CA ARG A 81 1.42 -7.43 -16.04
C ARG A 81 1.22 -5.97 -15.55
N LEU A 82 1.43 -5.70 -14.27
CA LEU A 82 1.46 -4.30 -13.81
C LEU A 82 2.66 -3.56 -14.43
N ASN A 83 3.81 -4.23 -14.45
CA ASN A 83 5.00 -3.65 -15.07
C ASN A 83 4.75 -3.39 -16.57
N ASN A 84 4.08 -4.33 -17.23
CA ASN A 84 3.74 -4.13 -18.63
C ASN A 84 2.83 -2.92 -18.81
N LEU A 85 1.81 -2.80 -17.97
CA LEU A 85 0.90 -1.66 -18.05
C LEU A 85 1.68 -0.35 -17.90
N GLN A 86 2.60 -0.31 -16.95
CA GLN A 86 3.42 0.85 -16.72
C GLN A 86 4.25 1.17 -17.97
N HIS A 87 4.87 0.15 -18.55
CA HIS A 87 5.69 0.32 -19.75
C HIS A 87 4.87 0.91 -20.89
N CYS A 88 3.65 0.41 -21.06
CA CYS A 88 2.79 0.85 -22.15
C CYS A 88 2.35 2.29 -21.96
N VAL A 89 1.89 2.63 -20.76
CA VAL A 89 1.47 3.99 -20.48
C VAL A 89 2.64 4.97 -20.58
N GLU A 90 3.77 4.64 -19.96
CA GLU A 90 4.95 5.51 -20.02
C GLU A 90 5.44 5.71 -21.45
N SER A 91 5.42 4.65 -22.25
CA SER A 91 5.86 4.73 -23.64
C SER A 91 4.94 5.63 -24.44
N ALA A 92 3.64 5.51 -24.22
CA ALA A 92 2.68 6.36 -24.90
C ALA A 92 2.91 7.84 -24.55
N LEU A 93 3.15 8.11 -23.26
CA LEU A 93 3.38 9.48 -22.81
C LEU A 93 4.67 10.00 -23.42
N ARG A 94 5.73 9.21 -23.33
CA ARG A 94 7.05 9.59 -23.84
C ARG A 94 7.06 9.89 -25.34
N ASP A 95 6.33 9.08 -26.08
CA ASP A 95 6.31 9.16 -27.53
C ASP A 95 5.20 10.05 -28.08
N GLY A 96 4.40 10.65 -27.20
CA GLY A 96 3.33 11.54 -27.61
C GLY A 96 2.19 10.85 -28.34
N VAL A 97 1.93 9.60 -28.01
CA VAL A 97 0.83 8.85 -28.61
C VAL A 97 -0.44 9.41 -27.98
N PRO A 98 -1.36 9.93 -28.80
CA PRO A 98 -2.54 10.55 -28.20
C PRO A 98 -3.56 9.55 -27.68
N GLY A 99 -4.28 9.95 -26.65
CA GLY A 99 -5.44 9.22 -26.21
C GLY A 99 -5.48 8.77 -24.77
N ASP A 100 -6.59 8.15 -24.45
CA ASP A 100 -6.93 7.76 -23.10
C ASP A 100 -6.48 6.31 -22.82
N VAL A 101 -6.71 5.86 -21.60
CA VAL A 101 -6.44 4.46 -21.23
C VAL A 101 -7.78 3.82 -20.97
N LEU A 102 -8.05 2.68 -21.60
CA LEU A 102 -9.28 1.93 -21.32
C LEU A 102 -8.94 0.53 -20.84
N GLU A 103 -9.52 0.12 -19.71
CA GLU A 103 -9.51 -1.30 -19.33
C GLU A 103 -10.91 -1.89 -19.41
N THR A 104 -11.03 -2.99 -20.13
CA THR A 104 -12.29 -3.71 -20.26
C THR A 104 -12.21 -5.00 -19.44
N GLY A 105 -12.84 -4.97 -18.26
CA GLY A 105 -12.78 -6.07 -17.30
C GLY A 105 -11.85 -5.62 -16.20
N VAL A 106 -12.42 -5.09 -15.13
CA VAL A 106 -11.63 -4.39 -14.11
C VAL A 106 -11.65 -5.03 -12.73
N TRP A 107 -12.60 -5.94 -12.48
CA TRP A 107 -12.77 -6.58 -11.17
C TRP A 107 -12.81 -5.50 -10.07
N ARG A 108 -11.87 -5.53 -9.12
CA ARG A 108 -11.90 -4.59 -8.00
C ARG A 108 -11.25 -3.24 -8.33
N GLY A 109 -10.67 -3.14 -9.53
CA GLY A 109 -10.22 -1.88 -10.08
C GLY A 109 -8.74 -1.58 -9.98
N GLY A 110 -7.97 -2.50 -9.41
CA GLY A 110 -6.56 -2.24 -9.13
C GLY A 110 -5.69 -1.86 -10.30
N ALA A 111 -5.90 -2.47 -11.47
CA ALA A 111 -5.10 -2.12 -12.63
C ALA A 111 -5.45 -0.71 -13.11
N CYS A 112 -6.73 -0.34 -13.03
CA CYS A 112 -7.17 1.01 -13.41
C CYS A 112 -6.72 2.06 -12.41
N ILE A 113 -6.70 1.68 -11.14
CA ILE A 113 -6.17 2.54 -10.09
C ILE A 113 -4.70 2.81 -10.39
N PHE A 114 -3.95 1.75 -10.71
CA PHE A 114 -2.56 1.91 -11.08
C PHE A 114 -2.39 2.82 -12.31
N ALA A 115 -3.20 2.61 -13.36
CA ALA A 115 -3.15 3.48 -14.53
C ALA A 115 -3.39 4.96 -14.20
N ARG A 116 -4.38 5.23 -13.37
CA ARG A 116 -4.65 6.60 -12.94
C ARG A 116 -3.46 7.16 -12.15
N GLY A 117 -2.84 6.32 -11.32
CA GLY A 117 -1.64 6.69 -10.58
C GLY A 117 -0.46 7.08 -11.46
N ILE A 118 -0.29 6.39 -12.59
CA ILE A 118 0.78 6.70 -13.52
C ILE A 118 0.56 8.12 -14.05
N LEU A 119 -0.66 8.41 -14.51
CA LEU A 119 -0.96 9.75 -15.01
C LEU A 119 -0.74 10.81 -13.93
N LYS A 120 -1.15 10.49 -12.71
CA LYS A 120 -0.98 11.38 -11.56
C LYS A 120 0.49 11.67 -11.29
N ALA A 121 1.30 10.61 -11.31
CA ALA A 121 2.74 10.73 -11.08
C ALA A 121 3.43 11.68 -12.05
N TYR A 122 2.98 11.68 -13.31
CA TYR A 122 3.57 12.54 -14.32
C TYR A 122 2.79 13.86 -14.52
N ASP A 123 1.84 14.14 -13.64
CA ASP A 123 0.98 15.32 -13.70
C ASP A 123 0.31 15.50 -15.06
N VAL A 124 -0.17 14.39 -15.61
CA VAL A 124 -0.90 14.41 -16.87
C VAL A 124 -2.36 14.74 -16.57
N ARG A 125 -2.84 15.85 -17.12
CA ARG A 125 -4.18 16.34 -16.83
C ARG A 125 -5.16 16.24 -18.01
N ASP A 126 -4.68 15.76 -19.16
CA ASP A 126 -5.47 15.75 -20.39
C ASP A 126 -5.71 14.35 -20.94
N ARG A 127 -5.60 13.35 -20.06
CA ARG A 127 -5.99 11.98 -20.39
C ARG A 127 -6.85 11.40 -19.29
N THR A 128 -7.72 10.47 -19.67
CA THR A 128 -8.70 9.84 -18.79
C THR A 128 -8.44 8.35 -18.74
N VAL A 129 -8.71 7.74 -17.57
CA VAL A 129 -8.75 6.31 -17.43
C VAL A 129 -10.22 5.89 -17.46
N TRP A 130 -10.58 5.09 -18.46
CA TRP A 130 -11.93 4.56 -18.61
C TRP A 130 -11.99 3.16 -18.02
N VAL A 131 -12.99 2.95 -17.17
CA VAL A 131 -13.12 1.75 -16.35
C VAL A 131 -14.41 1.04 -16.76
N ALA A 132 -14.29 0.00 -17.58
CA ALA A 132 -15.43 -0.66 -18.18
C ALA A 132 -15.63 -2.06 -17.63
N ASP A 133 -16.85 -2.34 -17.18
CA ASP A 133 -17.17 -3.64 -16.63
C ASP A 133 -18.68 -3.75 -16.56
N SER A 134 -19.16 -4.97 -16.50
CA SER A 134 -20.55 -5.21 -16.16
C SER A 134 -20.84 -4.82 -14.71
N PHE A 135 -19.79 -4.87 -13.88
CA PHE A 135 -19.87 -4.71 -12.41
C PHE A 135 -20.78 -5.77 -11.78
N GLN A 136 -20.90 -6.89 -12.49
CA GLN A 136 -21.78 -8.00 -12.12
C GLN A 136 -21.10 -9.35 -12.36
N GLY A 137 -19.82 -9.38 -12.72
CA GLY A 137 -19.16 -10.65 -13.04
C GLY A 137 -19.45 -11.10 -14.47
N PHE A 138 -19.11 -12.34 -14.77
CA PHE A 138 -19.31 -12.89 -16.12
C PHE A 138 -20.78 -13.05 -16.39
N PRO A 139 -21.19 -12.93 -17.67
CA PRO A 139 -22.58 -13.06 -18.07
C PRO A 139 -23.03 -14.52 -18.11
N LYS A 140 -24.30 -14.72 -17.86
CA LYS A 140 -24.93 -16.00 -18.05
C LYS A 140 -24.87 -16.35 -19.53
N ILE A 141 -24.49 -17.59 -19.83
CA ILE A 141 -24.39 -18.06 -21.21
C ILE A 141 -25.77 -18.24 -21.84
N THR A 142 -25.91 -17.83 -23.10
CA THR A 142 -27.11 -18.13 -23.87
C THR A 142 -26.73 -18.71 -25.23
N ASP A 143 -27.72 -19.01 -26.07
CA ASP A 143 -27.43 -19.56 -27.40
C ASP A 143 -26.77 -18.55 -28.34
N ASP A 144 -26.68 -17.29 -27.94
CA ASP A 144 -25.92 -16.30 -28.71
C ASP A 144 -24.40 -16.38 -28.49
N ASP A 145 -23.96 -17.18 -27.52
CA ASP A 145 -22.53 -17.23 -27.21
C ASP A 145 -21.75 -18.13 -28.16
N HIS A 146 -20.49 -17.77 -28.39
CA HIS A 146 -19.53 -18.62 -29.10
C HIS A 146 -19.47 -19.99 -28.40
N PRO A 147 -19.39 -21.09 -29.16
CA PRO A 147 -19.38 -22.40 -28.50
C PRO A 147 -18.24 -22.60 -27.47
N MET A 148 -17.07 -22.03 -27.71
CA MET A 148 -15.98 -22.11 -26.75
C MET A 148 -16.31 -21.39 -25.45
N ASP A 149 -17.00 -20.26 -25.55
CA ASP A 149 -17.45 -19.55 -24.33
C ASP A 149 -18.52 -20.33 -23.61
N ALA A 150 -19.43 -20.94 -24.36
CA ALA A 150 -20.48 -21.73 -23.75
C ALA A 150 -19.89 -22.91 -23.01
N GLU A 151 -18.91 -23.58 -23.60
CA GLU A 151 -18.29 -24.74 -22.97
C GLU A 151 -17.56 -24.34 -21.68
N MET A 152 -16.79 -23.25 -21.74
CA MET A 152 -16.03 -22.74 -20.58
C MET A 152 -16.94 -22.30 -19.46
N ASN A 153 -18.04 -21.65 -19.82
CA ASN A 153 -19.04 -21.13 -18.89
C ASN A 153 -18.41 -20.44 -17.67
N LEU A 154 -17.72 -19.33 -17.94
CA LEU A 154 -17.01 -18.59 -16.88
C LEU A 154 -17.92 -18.11 -15.77
N HIS A 155 -19.18 -17.83 -16.10
CA HIS A 155 -20.25 -17.54 -15.14
C HIS A 155 -20.25 -18.48 -13.92
N GLN A 156 -19.91 -19.75 -14.12
CA GLN A 156 -19.91 -20.70 -13.03
C GLN A 156 -18.91 -20.35 -11.93
N TYR A 157 -17.92 -19.51 -12.24
CA TYR A 157 -16.86 -19.16 -11.28
C TYR A 157 -17.10 -17.85 -10.52
N ASN A 158 -18.18 -17.12 -10.83
CA ASN A 158 -18.39 -15.79 -10.25
C ASN A 158 -18.24 -15.76 -8.73
N ALA A 159 -18.94 -16.63 -8.03
CA ALA A 159 -18.93 -16.59 -6.57
C ALA A 159 -17.59 -17.11 -6.05
N ALA A 160 -17.07 -18.13 -6.71
CA ALA A 160 -15.87 -18.83 -6.25
C ALA A 160 -14.63 -17.94 -6.12
N VAL A 161 -14.54 -16.92 -6.97
CA VAL A 161 -13.39 -15.99 -6.93
C VAL A 161 -13.82 -14.55 -6.62
N ASP A 162 -15.05 -14.39 -6.11
CA ASP A 162 -15.59 -13.10 -5.70
C ASP A 162 -15.55 -12.09 -6.85
N LEU A 163 -15.99 -12.53 -8.03
CA LEU A 163 -15.82 -11.70 -9.21
C LEU A 163 -16.78 -10.50 -9.27
N PRO A 164 -18.08 -10.72 -8.98
CA PRO A 164 -19.01 -9.59 -9.03
C PRO A 164 -18.63 -8.48 -8.04
N THR A 165 -18.30 -7.31 -8.58
CA THR A 165 -17.82 -6.21 -7.79
C THR A 165 -18.51 -4.96 -8.29
N SER A 166 -19.31 -4.34 -7.44
CA SER A 166 -20.16 -3.24 -7.88
C SER A 166 -19.37 -2.00 -8.24
N LEU A 167 -20.01 -1.15 -9.04
CA LEU A 167 -19.45 0.13 -9.38
C LEU A 167 -19.10 0.93 -8.11
N ALA A 168 -20.02 0.96 -7.15
CA ALA A 168 -19.78 1.69 -5.92
C ALA A 168 -18.54 1.17 -5.17
N THR A 169 -18.34 -0.15 -5.19
CA THR A 169 -17.16 -0.74 -4.53
C THR A 169 -15.88 -0.33 -5.26
N VAL A 170 -15.92 -0.34 -6.58
CA VAL A 170 -14.76 0.05 -7.35
C VAL A 170 -14.42 1.53 -7.12
N GLN A 171 -15.44 2.39 -7.08
CA GLN A 171 -15.24 3.81 -6.79
C GLN A 171 -14.62 3.99 -5.39
N ARG A 172 -15.15 3.25 -4.42
CA ARG A 172 -14.63 3.26 -3.06
C ARG A 172 -13.14 2.90 -3.06
N ASN A 173 -12.77 1.88 -3.82
CA ASN A 173 -11.39 1.46 -3.89
C ASN A 173 -10.49 2.56 -4.45
N PHE A 174 -10.90 3.19 -5.55
CA PHE A 174 -10.15 4.33 -6.06
C PHE A 174 -9.93 5.40 -4.97
N SER A 175 -10.98 5.71 -4.22
CA SER A 175 -10.93 6.80 -3.25
C SER A 175 -9.93 6.50 -2.14
N ARG A 176 -9.74 5.22 -1.82
CA ARG A 176 -8.80 4.83 -0.76
C ARG A 176 -7.35 5.20 -1.10
N TYR A 177 -7.04 5.29 -2.40
CA TYR A 177 -5.72 5.69 -2.87
C TYR A 177 -5.64 7.19 -3.16
N GLY A 178 -6.74 7.91 -2.99
CA GLY A 178 -6.81 9.33 -3.33
C GLY A 178 -6.84 9.58 -4.83
N LEU A 179 -7.36 8.61 -5.58
CA LEU A 179 -7.28 8.63 -7.03
C LEU A 179 -8.63 8.65 -7.71
N LEU A 180 -9.71 8.89 -6.96
CA LEU A 180 -11.04 9.04 -7.58
C LEU A 180 -11.25 10.50 -7.93
N ASP A 181 -11.17 10.84 -9.20
CA ASP A 181 -11.35 12.22 -9.64
C ASP A 181 -11.91 12.24 -11.07
N ASP A 182 -12.03 13.42 -11.67
N ASP A 182 -12.02 13.43 -11.66
CA ASP A 182 -12.71 13.55 -12.97
CA ASP A 182 -12.66 13.60 -12.96
C ASP A 182 -11.91 13.01 -14.15
C ASP A 182 -11.96 12.89 -14.12
N GLN A 183 -10.69 12.51 -13.92
CA GLN A 183 -9.93 11.76 -14.93
C GLN A 183 -10.11 10.25 -14.81
N VAL A 184 -11.09 9.82 -14.02
CA VAL A 184 -11.54 8.43 -14.00
C VAL A 184 -13.02 8.43 -14.38
N ARG A 185 -13.34 7.74 -15.47
CA ARG A 185 -14.71 7.66 -15.92
C ARG A 185 -15.11 6.18 -16.04
N PHE A 186 -16.37 5.90 -15.70
CA PHE A 186 -16.87 4.53 -15.63
C PHE A 186 -17.84 4.22 -16.75
N LEU A 187 -17.75 3.00 -17.26
CA LEU A 187 -18.62 2.52 -18.35
C LEU A 187 -19.28 1.21 -17.89
N PRO A 188 -20.36 1.33 -17.12
CA PRO A 188 -21.01 0.13 -16.57
C PRO A 188 -21.95 -0.52 -17.58
N GLY A 189 -21.81 -1.82 -17.76
CA GLY A 189 -22.63 -2.57 -18.66
C GLY A 189 -21.86 -3.64 -19.39
N TRP A 190 -22.58 -4.49 -20.11
CA TRP A 190 -21.95 -5.49 -20.98
C TRP A 190 -21.24 -4.79 -22.13
N PHE A 191 -20.05 -5.28 -22.50
CA PHE A 191 -19.25 -4.59 -23.52
C PHE A 191 -19.97 -4.44 -24.85
N LYS A 192 -20.81 -5.41 -25.22
CA LYS A 192 -21.53 -5.29 -26.47
C LYS A 192 -22.47 -4.09 -26.49
N ASP A 193 -22.91 -3.68 -25.30
CA ASP A 193 -23.78 -2.52 -25.14
C ASP A 193 -23.02 -1.21 -24.91
N THR A 194 -21.90 -1.25 -24.19
CA THR A 194 -21.22 0.00 -23.82
C THR A 194 -20.16 0.48 -24.80
N MET A 195 -19.52 -0.44 -25.53
CA MET A 195 -18.37 -0.08 -26.32
C MET A 195 -18.71 0.70 -27.60
N PRO A 196 -19.77 0.32 -28.34
CA PRO A 196 -19.96 0.99 -29.62
C PRO A 196 -20.11 2.51 -29.51
N THR A 197 -20.77 2.97 -28.45
CA THR A 197 -20.99 4.41 -28.27
C THR A 197 -20.28 5.00 -27.04
N ALA A 198 -19.31 4.28 -26.46
CA ALA A 198 -18.50 4.86 -25.40
C ALA A 198 -17.94 6.21 -25.85
N PRO A 199 -18.01 7.23 -24.98
CA PRO A 199 -17.69 8.58 -25.48
C PRO A 199 -16.21 8.92 -25.73
N PHE A 200 -15.26 8.02 -25.49
CA PHE A 200 -13.86 8.36 -25.82
C PHE A 200 -13.63 8.47 -27.34
N GLU A 201 -12.73 9.36 -27.73
CA GLU A 201 -12.41 9.56 -29.14
C GLU A 201 -11.18 8.78 -29.55
N ARG A 202 -10.19 8.70 -28.65
CA ARG A 202 -8.91 8.06 -28.99
C ARG A 202 -8.36 7.38 -27.75
N LEU A 203 -7.67 6.26 -27.98
CA LEU A 203 -7.00 5.51 -26.92
C LEU A 203 -5.51 5.41 -27.22
N ALA A 204 -4.70 5.53 -26.17
CA ALA A 204 -3.26 5.25 -26.25
C ALA A 204 -2.97 3.81 -25.75
N VAL A 205 -3.78 3.33 -24.81
CA VAL A 205 -3.65 1.97 -24.29
C VAL A 205 -5.05 1.34 -24.18
N LEU A 206 -5.19 0.17 -24.77
CA LEU A 206 -6.41 -0.62 -24.68
C LEU A 206 -6.08 -1.92 -23.98
N ARG A 207 -6.55 -2.09 -22.75
CA ARG A 207 -6.22 -3.24 -21.95
C ARG A 207 -7.45 -4.12 -21.82
N MET A 208 -7.38 -5.31 -22.43
CA MET A 208 -8.52 -6.22 -22.51
C MET A 208 -8.36 -7.35 -21.52
N ASP A 209 -9.33 -7.48 -20.61
CA ASP A 209 -9.27 -8.47 -19.54
C ASP A 209 -10.66 -9.02 -19.26
N GLY A 210 -11.34 -9.50 -20.30
CA GLY A 210 -12.68 -10.07 -20.18
C GLY A 210 -12.75 -11.57 -20.38
N ASP A 211 -11.60 -12.22 -20.67
CA ASP A 211 -11.44 -13.68 -20.67
C ASP A 211 -12.07 -14.46 -21.84
N SER A 212 -13.23 -14.04 -22.29
CA SER A 212 -13.99 -14.84 -23.26
C SER A 212 -13.75 -14.39 -24.70
N TYR A 213 -14.12 -15.26 -25.64
CA TYR A 213 -14.19 -14.87 -27.05
C TYR A 213 -15.06 -13.64 -27.21
N GLY A 214 -16.24 -13.69 -26.59
CA GLY A 214 -17.23 -12.64 -26.75
C GLY A 214 -16.77 -11.29 -26.26
N ALA A 215 -16.23 -11.24 -25.04
CA ALA A 215 -15.76 -10.00 -24.46
C ALA A 215 -14.58 -9.46 -25.26
N THR A 216 -13.70 -10.34 -25.74
CA THR A 216 -12.52 -9.92 -26.49
C THR A 216 -12.94 -9.37 -27.87
N MET A 217 -13.79 -10.13 -28.56
CA MET A 217 -14.28 -9.71 -29.88
C MET A 217 -15.12 -8.43 -29.75
N ASP A 218 -15.95 -8.33 -28.72
CA ASP A 218 -16.75 -7.12 -28.50
C ASP A 218 -15.84 -5.90 -28.46
N VAL A 219 -14.76 -5.99 -27.68
CA VAL A 219 -13.90 -4.84 -27.45
C VAL A 219 -12.99 -4.57 -28.62
N LEU A 220 -12.42 -5.60 -29.23
CA LEU A 220 -11.63 -5.37 -30.43
C LEU A 220 -12.49 -4.71 -31.51
N THR A 221 -13.69 -5.24 -31.71
CA THR A 221 -14.56 -4.74 -32.75
C THR A 221 -14.87 -3.26 -32.53
N HIS A 222 -15.25 -2.91 -31.31
CA HIS A 222 -15.82 -1.59 -31.06
C HIS A 222 -14.89 -0.53 -30.49
N ALA A 223 -13.77 -0.97 -29.88
CA ALA A 223 -12.80 -0.04 -29.30
C ALA A 223 -11.46 0.03 -30.02
N TYR A 224 -10.98 -1.08 -30.57
CA TYR A 224 -9.68 -1.07 -31.23
C TYR A 224 -9.53 -0.04 -32.36
N PRO A 225 -10.59 0.20 -33.16
CA PRO A 225 -10.43 1.23 -34.18
C PRO A 225 -10.06 2.62 -33.65
N ARG A 226 -10.32 2.88 -32.36
CA ARG A 226 -9.94 4.13 -31.74
C ARG A 226 -8.55 4.14 -31.09
N LEU A 227 -7.85 3.02 -31.17
CA LEU A 227 -6.47 2.94 -30.66
C LEU A 227 -5.54 3.65 -31.64
N SER A 228 -4.83 4.65 -31.13
CA SER A 228 -3.91 5.47 -31.91
C SER A 228 -2.77 4.63 -32.47
N PRO A 229 -2.26 5.00 -33.65
CA PRO A 229 -0.99 4.40 -34.06
C PRO A 229 0.07 4.69 -33.01
N GLY A 230 0.90 3.70 -32.70
CA GLY A 230 1.85 3.81 -31.60
C GLY A 230 1.27 3.39 -30.25
N GLY A 231 -0.06 3.16 -30.21
CA GLY A 231 -0.72 2.73 -29.00
C GLY A 231 -0.60 1.24 -28.76
N PHE A 232 -0.98 0.81 -27.56
CA PHE A 232 -0.78 -0.57 -27.14
C PHE A 232 -2.09 -1.30 -26.91
N ALA A 233 -2.15 -2.53 -27.41
CA ALA A 233 -3.27 -3.42 -27.21
C ALA A 233 -2.79 -4.60 -26.34
N ILE A 234 -3.34 -4.69 -25.13
CA ILE A 234 -2.94 -5.70 -24.16
C ILE A 234 -4.05 -6.74 -24.04
N ILE A 235 -3.68 -8.00 -24.22
CA ILE A 235 -4.60 -9.13 -24.06
C ILE A 235 -4.20 -9.90 -22.79
N ASP A 236 -4.92 -9.64 -21.72
CA ASP A 236 -4.59 -10.23 -20.43
C ASP A 236 -4.71 -11.75 -20.42
N ASP A 237 -5.69 -12.27 -21.16
CA ASP A 237 -6.12 -13.64 -21.03
C ASP A 237 -5.80 -14.50 -22.25
N TYR A 238 -4.67 -14.22 -22.89
CA TYR A 238 -4.32 -14.89 -24.15
C TYR A 238 -4.14 -16.39 -23.97
N CYS A 239 -3.81 -16.81 -22.76
CA CYS A 239 -3.69 -18.24 -22.45
C CYS A 239 -5.02 -19.00 -22.57
N ILE A 240 -6.15 -18.30 -22.56
CA ILE A 240 -7.46 -18.94 -22.67
C ILE A 240 -7.78 -19.14 -24.16
N PRO A 241 -8.04 -20.40 -24.59
CA PRO A 241 -8.26 -20.63 -26.01
C PRO A 241 -9.33 -19.74 -26.67
N ALA A 242 -10.44 -19.50 -25.99
CA ALA A 242 -11.52 -18.69 -26.57
C ALA A 242 -11.06 -17.26 -26.84
N CYS A 243 -10.30 -16.71 -25.90
CA CYS A 243 -9.75 -15.37 -26.04
C CYS A 243 -8.78 -15.31 -27.23
N ARG A 244 -7.88 -16.27 -27.29
CA ARG A 244 -6.91 -16.36 -28.37
C ARG A 244 -7.60 -16.49 -29.72
N GLU A 245 -8.67 -17.27 -29.78
CA GLU A 245 -9.45 -17.43 -31.00
C GLU A 245 -9.96 -16.08 -31.52
N ALA A 246 -10.48 -15.27 -30.62
CA ALA A 246 -10.97 -13.94 -30.97
C ALA A 246 -9.86 -13.04 -31.48
N VAL A 247 -8.74 -13.08 -30.79
CA VAL A 247 -7.59 -12.27 -31.19
C VAL A 247 -7.17 -12.59 -32.63
N HIS A 248 -7.02 -13.87 -32.94
CA HIS A 248 -6.56 -14.25 -34.27
C HIS A 248 -7.61 -13.97 -35.35
N GLU A 249 -8.87 -14.21 -35.03
CA GLU A 249 -9.93 -13.92 -35.99
C GLU A 249 -9.94 -12.43 -36.31
N TYR A 250 -9.85 -11.60 -35.28
CA TYR A 250 -9.85 -10.16 -35.47
C TYR A 250 -8.65 -9.68 -36.29
N ARG A 251 -7.46 -10.14 -35.91
CA ARG A 251 -6.24 -9.74 -36.60
C ARG A 251 -6.25 -10.18 -38.07
N ASP A 252 -6.75 -11.38 -38.34
CA ASP A 252 -6.84 -11.89 -39.71
C ASP A 252 -7.79 -11.02 -40.53
N ARG A 253 -8.93 -10.69 -39.94
CA ARG A 253 -9.94 -9.89 -40.62
C ARG A 253 -9.41 -8.52 -41.04
N HIS A 254 -8.60 -7.92 -40.16
CA HIS A 254 -8.13 -6.57 -40.36
C HIS A 254 -6.73 -6.48 -40.94
N GLY A 255 -6.11 -7.61 -41.21
CA GLY A 255 -4.75 -7.61 -41.77
C GLY A 255 -3.71 -7.08 -40.80
N ILE A 256 -3.91 -7.32 -39.50
CA ILE A 256 -3.00 -6.87 -38.47
C ILE A 256 -1.90 -7.91 -38.25
N SER A 257 -0.65 -7.50 -38.45
CA SER A 257 0.50 -8.38 -38.32
C SER A 257 1.50 -7.90 -37.27
N ASP A 258 1.11 -6.92 -36.45
CA ASP A 258 1.99 -6.40 -35.41
C ASP A 258 2.38 -7.52 -34.44
N GLU A 259 3.67 -7.63 -34.17
CA GLU A 259 4.22 -8.70 -33.33
C GLU A 259 3.47 -8.86 -32.01
N ILE A 260 3.05 -10.09 -31.72
CA ILE A 260 2.46 -10.43 -30.42
C ILE A 260 3.60 -10.78 -29.46
N VAL A 261 3.74 -9.96 -28.42
CA VAL A 261 4.82 -10.06 -27.43
C VAL A 261 4.29 -10.61 -26.11
N GLU A 262 4.89 -11.70 -25.66
CA GLU A 262 4.45 -12.32 -24.43
C GLU A 262 4.97 -11.58 -23.20
N ILE A 263 4.12 -11.47 -22.18
CA ILE A 263 4.42 -10.77 -20.93
C ILE A 263 4.76 -11.79 -19.82
N ASP A 264 3.90 -12.77 -19.63
CA ASP A 264 4.09 -13.77 -18.59
C ASP A 264 3.45 -15.07 -19.06
N ARG A 265 2.89 -15.87 -18.16
CA ARG A 265 2.25 -17.09 -18.61
C ARG A 265 0.81 -16.89 -19.10
N GLN A 266 0.27 -15.68 -18.99
CA GLN A 266 -1.13 -15.41 -19.36
C GLN A 266 -1.24 -14.38 -20.45
N GLY A 267 -0.58 -13.24 -20.26
CA GLY A 267 -0.80 -12.10 -21.08
C GLY A 267 0.17 -11.87 -22.21
N VAL A 268 -0.33 -11.20 -23.25
CA VAL A 268 0.48 -10.71 -24.34
C VAL A 268 0.04 -9.30 -24.71
N TYR A 269 0.83 -8.64 -25.56
CA TYR A 269 0.42 -7.36 -26.13
C TYR A 269 1.03 -7.14 -27.48
N TRP A 270 0.47 -6.19 -28.22
CA TRP A 270 1.14 -5.68 -29.40
C TRP A 270 1.03 -4.16 -29.45
N ARG A 271 1.93 -3.57 -30.22
CA ARG A 271 1.92 -2.14 -30.45
C ARG A 271 1.42 -1.90 -31.87
N ARG A 272 0.42 -1.03 -31.98
CA ARG A 272 -0.22 -0.76 -33.26
C ARG A 272 0.71 0.06 -34.15
N SER A 273 1.00 -0.46 -35.33
CA SER A 273 1.90 0.24 -36.24
C SER A 273 1.08 1.16 -37.14
N SER B 24 0.87 16.11 -5.15
CA SER B 24 1.21 16.59 -6.54
C SER B 24 2.52 16.00 -7.06
N THR B 25 3.62 16.24 -6.34
CA THR B 25 4.93 15.76 -6.82
C THR B 25 5.06 14.27 -6.54
N GLY B 26 6.02 13.63 -7.19
CA GLY B 26 6.30 12.21 -6.95
C GLY B 26 6.55 11.91 -5.48
N VAL B 27 7.36 12.74 -4.83
CA VAL B 27 7.66 12.55 -3.42
C VAL B 27 6.38 12.63 -2.59
N GLU B 28 5.58 13.66 -2.82
CA GLU B 28 4.36 13.83 -2.04
C GLU B 28 3.43 12.63 -2.23
N LEU B 29 3.31 12.15 -3.46
CA LEU B 29 2.46 10.99 -3.76
C LEU B 29 2.99 9.73 -3.08
N TYR B 30 4.30 9.51 -3.15
CA TYR B 30 4.90 8.35 -2.53
C TYR B 30 4.65 8.37 -1.01
N LEU B 31 4.94 9.49 -0.35
CA LEU B 31 4.81 9.51 1.11
C LEU B 31 3.35 9.44 1.58
N ASP B 32 2.46 10.04 0.81
CA ASP B 32 1.02 9.91 1.08
C ASP B 32 0.58 8.44 0.96
N LEU B 33 1.02 7.78 -0.10
CA LEU B 33 0.66 6.37 -0.29
C LEU B 33 1.28 5.50 0.80
N LEU B 34 2.52 5.79 1.16
CA LEU B 34 3.21 5.00 2.18
C LEU B 34 2.45 5.09 3.52
N LYS B 35 1.96 6.27 3.89
CA LYS B 35 1.16 6.40 5.10
C LYS B 35 -0.13 5.57 5.05
N ARG B 36 -0.84 5.66 3.94
CA ARG B 36 -2.06 4.91 3.74
C ARG B 36 -1.81 3.41 3.77
N THR B 37 -0.62 3.00 3.33
CA THR B 37 -0.30 1.59 3.25
C THR B 37 0.12 1.02 4.60
N VAL B 38 1.07 1.67 5.28
CA VAL B 38 1.51 1.13 6.59
C VAL B 38 0.37 1.11 7.61
N SER B 39 -0.56 2.07 7.51
CA SER B 39 -1.74 2.09 8.38
C SER B 39 -2.91 1.26 7.86
N ASN B 40 -2.74 0.74 6.65
CA ASN B 40 -3.72 -0.06 5.92
C ASN B 40 -5.09 0.60 5.78
N PHE B 41 -5.08 1.89 5.48
CA PHE B 41 -6.27 2.54 4.98
C PHE B 41 -6.67 1.94 3.63
N ILE B 42 -5.74 1.29 2.94
CA ILE B 42 -6.05 0.72 1.64
C ILE B 42 -7.03 -0.46 1.72
N TYR B 43 -6.72 -1.42 2.59
CA TYR B 43 -7.53 -2.63 2.68
C TYR B 43 -8.40 -2.72 3.94
N GLN B 44 -8.13 -1.85 4.93
CA GLN B 44 -9.06 -1.61 6.05
C GLN B 44 -9.33 -2.87 6.86
N ASP B 45 -8.25 -3.41 7.40
CA ASP B 45 -8.29 -4.60 8.24
C ASP B 45 -9.05 -4.34 9.55
N ALA B 46 -9.71 -5.39 10.03
CA ALA B 46 -10.36 -5.38 11.32
C ALA B 46 -9.41 -5.04 12.45
N THR B 47 -9.99 -4.55 13.54
CA THR B 47 -9.26 -4.32 14.78
C THR B 47 -9.52 -5.45 15.76
N HIS B 48 -8.52 -5.72 16.60
CA HIS B 48 -8.75 -6.55 17.77
C HIS B 48 -9.78 -5.85 18.67
N VAL B 49 -10.58 -6.64 19.37
CA VAL B 49 -11.53 -6.13 20.36
C VAL B 49 -10.86 -6.17 21.74
N ALA B 50 -10.48 -4.98 22.21
CA ALA B 50 -9.66 -4.81 23.40
C ALA B 50 -9.77 -3.36 23.87
N GLY B 51 -9.45 -3.13 25.15
CA GLY B 51 -9.53 -1.81 25.73
C GLY B 51 -10.91 -1.21 25.53
N LEU B 52 -10.95 -0.03 24.93
CA LEU B 52 -12.21 0.67 24.70
C LEU B 52 -12.85 0.34 23.35
N ILE B 53 -12.16 -0.44 22.52
CA ILE B 53 -12.69 -0.91 21.24
C ILE B 53 -13.60 -2.13 21.49
N THR B 54 -14.90 -1.99 21.20
CA THR B 54 -15.87 -3.04 21.54
C THR B 54 -16.35 -3.90 20.35
N GLN B 55 -15.93 -3.55 19.14
CA GLN B 55 -16.30 -4.31 17.93
C GLN B 55 -15.10 -4.40 16.99
N ALA B 56 -15.11 -5.41 16.11
CA ALA B 56 -13.95 -5.68 15.24
C ALA B 56 -13.90 -4.82 13.97
N ALA B 57 -15.04 -4.25 13.58
CA ALA B 57 -15.12 -3.59 12.29
C ALA B 57 -14.12 -2.43 12.19
N PHE B 58 -13.55 -2.27 10.99
CA PHE B 58 -12.74 -1.10 10.72
C PHE B 58 -13.60 0.16 10.88
N VAL B 59 -13.09 1.13 11.63
CA VAL B 59 -13.74 2.44 11.74
C VAL B 59 -12.74 3.50 11.28
N GLU B 60 -13.12 4.28 10.27
CA GLU B 60 -12.20 5.24 9.66
C GLU B 60 -11.64 6.21 10.68
N GLU B 61 -12.51 6.78 11.51
CA GLU B 61 -12.11 7.76 12.51
C GLU B 61 -11.09 7.19 13.50
N ALA B 62 -11.26 5.91 13.85
CA ALA B 62 -10.35 5.27 14.79
C ALA B 62 -8.97 5.05 14.16
N ARG B 63 -8.92 4.61 12.90
CA ARG B 63 -7.62 4.41 12.25
C ARG B 63 -6.95 5.77 11.95
N GLU B 64 -7.75 6.78 11.64
CA GLU B 64 -7.23 8.11 11.35
C GLU B 64 -6.47 8.67 12.56
N SER B 65 -6.99 8.43 13.76
CA SER B 65 -6.36 8.91 15.00
C SER B 65 -5.56 7.84 15.74
N GLY B 66 -5.38 6.66 15.14
CA GLY B 66 -4.52 5.62 15.73
C GLY B 66 -5.02 5.04 17.03
N GLU B 67 -6.32 4.82 17.14
CA GLU B 67 -6.93 4.44 18.41
C GLU B 67 -7.31 2.97 18.50
N ASP B 68 -7.18 2.25 17.39
CA ASP B 68 -7.56 0.83 17.36
C ASP B 68 -6.30 -0.07 17.36
N TYR B 69 -6.53 -1.37 17.18
CA TYR B 69 -5.50 -2.39 17.39
C TYR B 69 -5.52 -3.26 16.16
N PRO B 70 -4.88 -2.78 15.07
CA PRO B 70 -5.03 -3.45 13.78
C PRO B 70 -4.64 -4.91 13.78
N THR B 71 -5.48 -5.74 13.15
CA THR B 71 -5.17 -7.17 13.03
C THR B 71 -4.03 -7.43 12.05
N VAL B 72 -3.88 -6.54 11.07
CA VAL B 72 -2.95 -6.73 9.96
C VAL B 72 -1.98 -5.56 9.71
N ALA B 73 -2.44 -4.32 9.91
CA ALA B 73 -1.63 -3.16 9.52
C ALA B 73 -0.27 -3.15 10.21
N HIS B 74 0.72 -2.58 9.54
CA HIS B 74 2.08 -2.56 10.07
C HIS B 74 2.33 -1.51 11.14
N THR B 75 1.46 -0.51 11.27
CA THR B 75 1.52 0.44 12.39
C THR B 75 0.13 0.65 13.00
N ALA B 76 0.13 0.96 14.29
CA ALA B 76 -1.09 1.32 15.03
C ALA B 76 -1.19 2.82 15.28
N ILE B 77 -0.19 3.61 14.89
CA ILE B 77 -0.16 5.02 15.32
C ILE B 77 -1.14 5.93 14.60
N GLY B 78 -1.62 5.51 13.44
CA GLY B 78 -2.67 6.26 12.76
C GLY B 78 -2.15 7.41 11.91
N MET B 79 -3.05 7.97 11.11
N MET B 79 -3.04 7.98 11.10
CA MET B 79 -2.68 9.01 10.15
CA MET B 79 -2.65 9.01 10.15
C MET B 79 -2.17 10.32 10.78
C MET B 79 -2.16 10.32 10.78
N LYS B 80 -2.78 10.77 11.87
CA LYS B 80 -2.33 12.03 12.49
C LYS B 80 -0.90 11.91 13.03
N ARG B 81 -0.59 10.77 13.65
CA ARG B 81 0.77 10.57 14.16
C ARG B 81 1.77 10.24 13.05
N LEU B 82 1.32 9.63 11.95
CA LEU B 82 2.18 9.46 10.79
C LEU B 82 2.49 10.83 10.17
N ASN B 83 1.47 11.69 10.09
CA ASN B 83 1.68 13.04 9.60
C ASN B 83 2.66 13.80 10.50
N ASN B 84 2.53 13.65 11.80
CA ASN B 84 3.48 14.28 12.73
C ASN B 84 4.89 13.78 12.50
N LEU B 85 5.05 12.46 12.32
CA LEU B 85 6.39 11.90 12.09
C LEU B 85 7.00 12.48 10.81
N GLN B 86 6.21 12.57 9.76
CA GLN B 86 6.64 13.21 8.53
C GLN B 86 7.07 14.66 8.74
N HIS B 87 6.25 15.41 9.46
CA HIS B 87 6.56 16.81 9.76
C HIS B 87 7.92 16.94 10.48
N CYS B 88 8.11 16.10 11.49
CA CYS B 88 9.35 16.12 12.27
C CYS B 88 10.57 15.77 11.43
N VAL B 89 10.48 14.69 10.66
CA VAL B 89 11.61 14.29 9.83
C VAL B 89 11.89 15.33 8.73
N GLU B 90 10.85 15.77 8.02
CA GLU B 90 11.02 16.79 6.99
C GLU B 90 11.60 18.08 7.56
N SER B 91 11.15 18.50 8.74
CA SER B 91 11.65 19.72 9.35
C SER B 91 13.13 19.58 9.71
N ALA B 92 13.51 18.44 10.29
CA ALA B 92 14.92 18.19 10.57
C ALA B 92 15.78 18.24 9.31
N LEU B 93 15.33 17.60 8.23
CA LEU B 93 16.08 17.58 6.99
C LEU B 93 16.18 19.00 6.42
N ARG B 94 15.06 19.71 6.42
CA ARG B 94 14.98 21.09 5.88
C ARG B 94 15.88 22.05 6.63
N ASP B 95 15.90 21.93 7.95
CA ASP B 95 16.64 22.85 8.81
C ASP B 95 18.10 22.42 9.05
N GLY B 96 18.49 21.26 8.54
CA GLY B 96 19.85 20.77 8.74
C GLY B 96 20.16 20.33 10.17
N VAL B 97 19.14 19.83 10.87
CA VAL B 97 19.31 19.28 12.22
C VAL B 97 20.02 17.94 12.07
N PRO B 98 21.21 17.81 12.66
CA PRO B 98 21.97 16.58 12.43
C PRO B 98 21.41 15.39 13.20
N GLY B 99 21.55 14.20 12.62
CA GLY B 99 21.31 12.98 13.36
C GLY B 99 20.35 12.00 12.73
N ASP B 100 20.21 10.89 13.41
CA ASP B 100 19.45 9.76 12.94
C ASP B 100 18.01 9.83 13.46
N VAL B 101 17.21 8.85 13.09
CA VAL B 101 15.85 8.71 13.61
C VAL B 101 15.83 7.43 14.44
N LEU B 102 15.34 7.53 15.67
CA LEU B 102 15.17 6.37 16.54
C LEU B 102 13.73 6.24 16.95
N GLU B 103 13.14 5.05 16.78
CA GLU B 103 11.85 4.73 17.41
C GLU B 103 12.05 3.65 18.45
N THR B 104 11.56 3.93 19.65
CA THR B 104 11.65 2.97 20.74
C THR B 104 10.25 2.40 21.00
N GLY B 105 10.04 1.17 20.53
CA GLY B 105 8.73 0.54 20.57
C GLY B 105 8.19 0.61 19.16
N VAL B 106 8.36 -0.48 18.40
CA VAL B 106 8.10 -0.45 16.97
C VAL B 106 7.00 -1.39 16.49
N TRP B 107 6.61 -2.35 17.34
CA TRP B 107 5.62 -3.37 16.98
C TRP B 107 5.96 -4.02 15.63
N ARG B 108 5.09 -3.91 14.63
CA ARG B 108 5.32 -4.54 13.32
C ARG B 108 6.24 -3.72 12.40
N GLY B 109 6.62 -2.51 12.82
CA GLY B 109 7.64 -1.73 12.16
C GLY B 109 7.15 -0.61 11.27
N GLY B 110 5.84 -0.46 11.11
CA GLY B 110 5.28 0.47 10.12
C GLY B 110 5.70 1.93 10.25
N ALA B 111 5.81 2.43 11.47
CA ALA B 111 6.26 3.82 11.64
C ALA B 111 7.73 3.97 11.24
N CYS B 112 8.56 2.97 11.55
CA CYS B 112 9.99 2.99 11.14
C CYS B 112 10.15 2.78 9.63
N ILE B 113 9.28 1.95 9.06
CA ILE B 113 9.24 1.76 7.61
C ILE B 113 8.92 3.10 6.95
N PHE B 114 7.92 3.80 7.48
CA PHE B 114 7.59 5.12 6.97
C PHE B 114 8.78 6.10 7.11
N ALA B 115 9.41 6.12 8.27
CA ALA B 115 10.60 6.97 8.45
C ALA B 115 11.72 6.69 7.42
N ARG B 116 12.01 5.42 7.18
CA ARG B 116 12.99 5.05 6.16
C ARG B 116 12.54 5.53 4.78
N GLY B 117 11.24 5.40 4.50
CA GLY B 117 10.67 5.90 3.25
C GLY B 117 10.84 7.40 3.04
N ILE B 118 10.71 8.18 4.11
CA ILE B 118 10.92 9.62 4.01
C ILE B 118 12.36 9.89 3.58
N LEU B 119 13.32 9.25 4.25
CA LEU B 119 14.72 9.40 3.84
C LEU B 119 14.96 8.96 2.40
N LYS B 120 14.34 7.86 2.00
CA LYS B 120 14.45 7.36 0.62
C LYS B 120 13.91 8.38 -0.38
N ALA B 121 12.76 8.97 -0.07
CA ALA B 121 12.09 9.91 -0.96
C ALA B 121 12.96 11.13 -1.26
N TYR B 122 13.68 11.60 -0.24
CA TYR B 122 14.57 12.74 -0.38
C TYR B 122 16.03 12.37 -0.73
N ASP B 123 16.25 11.09 -1.08
CA ASP B 123 17.57 10.54 -1.38
C ASP B 123 18.63 10.89 -0.33
N VAL B 124 18.23 10.81 0.94
CA VAL B 124 19.15 11.02 2.06
C VAL B 124 19.92 9.74 2.33
N ARG B 125 21.25 9.80 2.17
CA ARG B 125 22.09 8.61 2.31
C ARG B 125 22.94 8.60 3.58
N ASP B 126 22.88 9.69 4.36
CA ASP B 126 23.78 9.87 5.52
C ASP B 126 23.04 9.87 6.86
N ARG B 127 21.85 9.30 6.89
CA ARG B 127 21.12 9.12 8.15
C ARG B 127 20.55 7.71 8.21
N THR B 128 20.41 7.21 9.43
CA THR B 128 19.95 5.87 9.72
C THR B 128 18.63 5.92 10.50
N VAL B 129 17.76 4.94 10.24
CA VAL B 129 16.61 4.69 11.07
C VAL B 129 16.95 3.54 12.01
N TRP B 130 16.94 3.84 13.30
CA TRP B 130 17.17 2.85 14.35
C TRP B 130 15.86 2.31 14.87
N VAL B 131 15.76 0.99 14.92
CA VAL B 131 14.52 0.27 15.23
C VAL B 131 14.75 -0.52 16.52
N ALA B 132 14.26 0.02 17.63
CA ALA B 132 14.52 -0.54 18.95
C ALA B 132 13.27 -1.15 19.54
N ASP B 133 13.39 -2.40 19.98
CA ASP B 133 12.29 -3.10 20.59
C ASP B 133 12.82 -4.34 21.29
N SER B 134 12.06 -4.85 22.23
CA SER B 134 12.32 -6.17 22.79
C SER B 134 12.11 -7.25 21.74
N PHE B 135 11.25 -6.95 20.76
CA PHE B 135 10.75 -7.91 19.76
C PHE B 135 10.05 -9.09 20.42
N GLN B 136 9.52 -8.86 21.62
CA GLN B 136 8.72 -9.85 22.30
C GLN B 136 7.61 -9.25 23.17
N GLY B 137 7.22 -8.02 22.90
CA GLY B 137 6.12 -7.40 23.61
C GLY B 137 6.58 -6.80 24.93
N PHE B 138 5.62 -6.47 25.77
CA PHE B 138 5.90 -5.86 27.07
C PHE B 138 6.54 -6.88 27.98
N PRO B 139 7.41 -6.40 28.90
CA PRO B 139 8.08 -7.25 29.86
C PRO B 139 7.14 -7.63 30.99
N LYS B 140 7.37 -8.81 31.56
CA LYS B 140 6.68 -9.23 32.76
C LYS B 140 7.07 -8.27 33.88
N ILE B 141 6.07 -7.87 34.68
CA ILE B 141 6.31 -6.97 35.81
C ILE B 141 7.14 -7.66 36.89
N THR B 142 8.07 -6.91 37.47
CA THR B 142 8.90 -7.36 38.61
C THR B 142 8.80 -6.34 39.72
N ASP B 143 9.44 -6.65 40.86
CA ASP B 143 9.43 -5.75 42.01
C ASP B 143 10.18 -4.44 41.77
N ASP B 144 11.03 -4.40 40.75
CA ASP B 144 11.77 -3.18 40.39
C ASP B 144 10.91 -2.16 39.63
N ASP B 145 9.72 -2.56 39.17
CA ASP B 145 8.90 -1.65 38.37
C ASP B 145 8.23 -0.54 39.17
N HIS B 146 8.04 0.61 38.52
CA HIS B 146 7.25 1.72 39.07
C HIS B 146 5.87 1.21 39.44
N PRO B 147 5.32 1.65 40.59
CA PRO B 147 3.99 1.16 40.98
C PRO B 147 2.87 1.36 39.93
N MET B 148 2.92 2.46 39.20
CA MET B 148 1.92 2.69 38.14
C MET B 148 2.06 1.67 37.00
N ASP B 149 3.30 1.28 36.70
CA ASP B 149 3.53 0.23 35.69
C ASP B 149 3.04 -1.13 36.19
N ALA B 150 3.31 -1.42 37.46
CA ALA B 150 2.82 -2.66 38.06
C ALA B 150 1.31 -2.74 38.01
N GLU B 151 0.63 -1.64 38.33
CA GLU B 151 -0.83 -1.61 38.36
C GLU B 151 -1.39 -1.82 36.95
N MET B 152 -0.81 -1.12 35.97
CA MET B 152 -1.23 -1.20 34.56
C MET B 152 -1.02 -2.60 33.99
N ASN B 153 0.13 -3.18 34.33
CA ASN B 153 0.56 -4.47 33.85
C ASN B 153 0.30 -4.69 32.36
N LEU B 154 1.00 -3.91 31.54
CA LEU B 154 0.80 -3.94 30.07
C LEU B 154 1.07 -5.34 29.47
N HIS B 155 1.95 -6.10 30.11
CA HIS B 155 2.24 -7.48 29.75
C HIS B 155 0.97 -8.32 29.55
N GLN B 156 -0.07 -8.04 30.33
CA GLN B 156 -1.34 -8.77 30.21
C GLN B 156 -1.95 -8.74 28.82
N TYR B 157 -1.64 -7.70 28.04
CA TYR B 157 -2.27 -7.50 26.72
C TYR B 157 -1.50 -8.09 25.56
N ASN B 158 -0.31 -8.62 25.81
CA ASN B 158 0.60 -9.00 24.71
C ASN B 158 -0.08 -9.81 23.60
N ALA B 159 -0.64 -10.97 23.96
CA ALA B 159 -1.23 -11.84 22.96
C ALA B 159 -2.52 -11.25 22.41
N ALA B 160 -3.30 -10.61 23.28
CA ALA B 160 -4.61 -10.10 22.88
C ALA B 160 -4.56 -9.15 21.69
N VAL B 161 -3.53 -8.33 21.60
CA VAL B 161 -3.40 -7.39 20.47
C VAL B 161 -2.19 -7.72 19.59
N ASP B 162 -1.69 -8.96 19.70
CA ASP B 162 -0.62 -9.47 18.85
C ASP B 162 0.62 -8.59 18.91
N LEU B 163 1.02 -8.21 20.13
CA LEU B 163 2.15 -7.28 20.29
C LEU B 163 3.52 -7.92 20.01
N PRO B 164 3.78 -9.12 20.55
CA PRO B 164 5.09 -9.72 20.27
C PRO B 164 5.32 -9.95 18.79
N THR B 165 6.32 -9.29 18.24
CA THR B 165 6.62 -9.36 16.82
C THR B 165 8.14 -9.48 16.71
N SER B 166 8.59 -10.60 16.15
CA SER B 166 10.01 -10.88 16.14
C SER B 166 10.79 -9.93 15.23
N LEU B 167 12.09 -9.85 15.50
CA LEU B 167 12.99 -9.13 14.61
C LEU B 167 12.88 -9.60 13.17
N ALA B 168 12.83 -10.91 12.96
CA ALA B 168 12.74 -11.47 11.61
C ALA B 168 11.46 -11.01 10.90
N THR B 169 10.35 -10.94 11.64
CA THR B 169 9.08 -10.49 11.07
C THR B 169 9.19 -9.01 10.70
N VAL B 170 9.77 -8.22 11.59
CA VAL B 170 9.93 -6.81 11.31
C VAL B 170 10.81 -6.58 10.07
N GLN B 171 11.90 -7.34 9.96
CA GLN B 171 12.78 -7.23 8.80
C GLN B 171 12.03 -7.61 7.53
N ARG B 172 11.25 -8.69 7.62
CA ARG B 172 10.41 -9.13 6.51
C ARG B 172 9.49 -8.00 6.06
N ASN B 173 8.84 -7.36 7.02
CA ASN B 173 7.95 -6.26 6.70
C ASN B 173 8.65 -5.12 5.97
N PHE B 174 9.82 -4.68 6.44
CA PHE B 174 10.59 -3.68 5.71
C PHE B 174 10.84 -4.12 4.25
N SER B 175 11.22 -5.38 4.07
N SER B 175 11.23 -5.37 4.07
CA SER B 175 11.57 -5.89 2.75
CA SER B 175 11.57 -5.91 2.74
C SER B 175 10.40 -5.84 1.77
C SER B 175 10.39 -5.85 1.77
N ARG B 176 9.17 -6.00 2.28
CA ARG B 176 7.97 -5.95 1.42
C ARG B 176 7.77 -4.57 0.76
N TYR B 177 8.32 -3.52 1.37
CA TYR B 177 8.25 -2.17 0.81
C TYR B 177 9.53 -1.79 0.03
N GLY B 178 10.48 -2.72 -0.04
CA GLY B 178 11.78 -2.47 -0.64
C GLY B 178 12.65 -1.53 0.18
N LEU B 179 12.44 -1.50 1.50
CA LEU B 179 13.10 -0.51 2.35
C LEU B 179 14.00 -1.14 3.38
N LEU B 180 14.32 -2.43 3.24
CA LEU B 180 15.32 -3.05 4.14
C LEU B 180 16.69 -2.88 3.52
N ASP B 181 17.50 -2.00 4.09
CA ASP B 181 18.86 -1.78 3.60
C ASP B 181 19.76 -1.33 4.76
N ASP B 182 20.99 -0.96 4.46
N ASP B 182 20.99 -0.96 4.46
CA ASP B 182 21.97 -0.64 5.51
CA ASP B 182 21.98 -0.62 5.48
C ASP B 182 21.72 0.68 6.25
C ASP B 182 21.64 0.61 6.32
N GLN B 183 20.72 1.45 5.82
CA GLN B 183 20.25 2.62 6.58
C GLN B 183 19.11 2.28 7.55
N VAL B 184 18.85 0.99 7.75
CA VAL B 184 17.97 0.51 8.80
C VAL B 184 18.81 -0.37 9.72
N ARG B 185 18.86 0.01 10.99
CA ARG B 185 19.61 -0.74 11.99
C ARG B 185 18.69 -1.09 13.16
N PHE B 186 18.87 -2.29 13.70
CA PHE B 186 17.99 -2.83 14.74
C PHE B 186 18.71 -2.90 16.08
N LEU B 187 17.96 -2.62 17.14
CA LEU B 187 18.47 -2.64 18.51
C LEU B 187 17.57 -3.56 19.33
N PRO B 188 17.82 -4.89 19.25
CA PRO B 188 16.92 -5.80 19.93
C PRO B 188 17.26 -5.95 21.41
N GLY B 189 16.25 -5.83 22.26
CA GLY B 189 16.40 -6.00 23.69
C GLY B 189 15.56 -5.03 24.48
N TRP B 190 15.59 -5.18 25.79
CA TRP B 190 14.90 -4.24 26.69
C TRP B 190 15.65 -2.91 26.63
N PHE B 191 14.92 -1.80 26.65
CA PHE B 191 15.55 -0.47 26.50
C PHE B 191 16.58 -0.18 27.59
N LYS B 192 16.39 -0.71 28.78
CA LYS B 192 17.34 -0.45 29.86
C LYS B 192 18.72 -1.03 29.54
N ASP B 193 18.72 -2.08 28.72
CA ASP B 193 19.93 -2.77 28.25
C ASP B 193 20.50 -2.22 26.95
N THR B 194 19.65 -1.81 26.01
CA THR B 194 20.11 -1.42 24.68
C THR B 194 20.43 0.06 24.53
N MET B 195 19.77 0.91 25.31
CA MET B 195 19.88 2.33 25.07
C MET B 195 21.20 2.96 25.53
N PRO B 196 21.71 2.58 26.73
CA PRO B 196 22.91 3.30 27.17
C PRO B 196 24.12 3.21 26.22
N THR B 197 24.30 2.07 25.57
CA THR B 197 25.42 1.89 24.65
C THR B 197 24.99 1.72 23.19
N ALA B 198 23.75 2.06 22.85
CA ALA B 198 23.32 2.06 21.45
C ALA B 198 24.33 2.89 20.63
N PRO B 199 24.75 2.38 19.46
CA PRO B 199 25.90 3.02 18.83
C PRO B 199 25.67 4.35 18.09
N PHE B 200 24.46 4.91 18.08
CA PHE B 200 24.28 6.21 17.42
C PHE B 200 24.92 7.36 18.22
N GLU B 201 25.38 8.39 17.50
CA GLU B 201 26.01 9.54 18.13
C GLU B 201 25.03 10.68 18.33
N ARG B 202 24.14 10.88 17.35
CA ARG B 202 23.22 12.02 17.36
C ARG B 202 21.88 11.59 16.78
N LEU B 203 20.82 12.20 17.30
CA LEU B 203 19.45 11.99 16.80
C LEU B 203 18.84 13.31 16.40
N ALA B 204 18.08 13.28 15.30
CA ALA B 204 17.26 14.41 14.88
C ALA B 204 15.80 14.20 15.31
N VAL B 205 15.40 12.94 15.40
CA VAL B 205 14.03 12.61 15.83
C VAL B 205 14.12 11.41 16.76
N LEU B 206 13.54 11.55 17.96
CA LEU B 206 13.44 10.50 18.94
C LEU B 206 11.96 10.24 19.16
N ARG B 207 11.50 9.10 18.68
CA ARG B 207 10.08 8.75 18.77
C ARG B 207 9.89 7.64 19.80
N MET B 208 9.21 7.96 20.88
CA MET B 208 9.07 7.07 22.03
C MET B 208 7.68 6.49 22.04
N ASP B 209 7.58 5.17 21.98
CA ASP B 209 6.30 4.49 21.89
C ASP B 209 6.39 3.18 22.68
N GLY B 210 6.79 3.28 23.94
CA GLY B 210 6.90 2.11 24.83
C GLY B 210 5.87 2.05 25.95
N ASP B 211 5.00 3.06 26.04
CA ASP B 211 3.79 3.07 26.90
C ASP B 211 3.97 3.26 28.42
N SER B 212 5.00 2.65 28.99
CA SER B 212 5.16 2.60 30.42
C SER B 212 6.04 3.72 30.97
N TYR B 213 5.94 3.95 32.28
CA TYR B 213 6.89 4.82 32.95
C TYR B 213 8.31 4.34 32.68
N GLY B 214 8.51 3.03 32.84
CA GLY B 214 9.82 2.43 32.73
C GLY B 214 10.45 2.62 31.37
N ALA B 215 9.70 2.28 30.33
CA ALA B 215 10.22 2.40 28.97
C ALA B 215 10.49 3.85 28.60
N THR B 216 9.62 4.75 29.05
CA THR B 216 9.74 6.18 28.72
C THR B 216 10.97 6.76 29.44
N MET B 217 11.09 6.44 30.73
CA MET B 217 12.22 6.92 31.52
C MET B 217 13.53 6.31 31.03
N ASP B 218 13.53 5.03 30.66
CA ASP B 218 14.73 4.40 30.12
C ASP B 218 15.25 5.19 28.91
N VAL B 219 14.34 5.50 27.99
CA VAL B 219 14.71 6.12 26.73
C VAL B 219 15.03 7.60 26.90
N LEU B 220 14.24 8.32 27.69
CA LEU B 220 14.60 9.70 27.97
C LEU B 220 15.97 9.77 28.64
N THR B 221 16.21 8.93 29.63
CA THR B 221 17.48 8.96 30.35
C THR B 221 18.65 8.72 29.41
N HIS B 222 18.53 7.69 28.58
CA HIS B 222 19.69 7.19 27.86
C HIS B 222 19.82 7.60 26.40
N ALA B 223 18.73 8.06 25.79
CA ALA B 223 18.76 8.52 24.40
C ALA B 223 18.56 10.02 24.23
N TYR B 224 17.75 10.65 25.07
CA TYR B 224 17.44 12.08 24.88
C TYR B 224 18.68 13.00 24.87
N PRO B 225 19.70 12.71 25.70
CA PRO B 225 20.90 13.56 25.64
C PRO B 225 21.57 13.60 24.27
N ARG B 226 21.31 12.60 23.42
CA ARG B 226 21.83 12.60 22.05
C ARG B 226 20.94 13.27 21.00
N LEU B 227 19.78 13.79 21.42
CA LEU B 227 18.89 14.53 20.53
C LEU B 227 19.46 15.92 20.28
N SER B 228 19.71 16.21 19.01
CA SER B 228 20.27 17.49 18.61
C SER B 228 19.35 18.65 18.98
N PRO B 229 19.93 19.83 19.24
CA PRO B 229 19.08 21.02 19.32
C PRO B 229 18.36 21.20 17.99
N GLY B 230 17.08 21.55 18.03
CA GLY B 230 16.25 21.60 16.85
C GLY B 230 15.60 20.26 16.52
N GLY B 231 16.01 19.20 17.22
CA GLY B 231 15.45 17.87 17.04
C GLY B 231 14.10 17.73 17.73
N PHE B 232 13.40 16.64 17.42
CA PHE B 232 12.06 16.42 17.92
C PHE B 232 11.97 15.22 18.82
N ALA B 233 11.26 15.39 19.93
CA ALA B 233 10.96 14.32 20.87
C ALA B 233 9.45 14.07 20.83
N ILE B 234 9.08 12.88 20.38
CA ILE B 234 7.68 12.49 20.22
C ILE B 234 7.33 11.48 21.30
N ILE B 235 6.27 11.76 22.04
CA ILE B 235 5.75 10.87 23.05
C ILE B 235 4.41 10.30 22.56
N ASP B 236 4.45 9.08 22.05
CA ASP B 236 3.26 8.47 21.48
C ASP B 236 2.13 8.27 22.47
N ASP B 237 2.49 7.91 23.70
CA ASP B 237 1.56 7.39 24.69
C ASP B 237 1.33 8.37 25.84
N TYR B 238 1.35 9.67 25.56
CA TYR B 238 1.24 10.67 26.62
C TYR B 238 -0.09 10.59 27.37
N CYS B 239 -1.12 10.07 26.71
CA CYS B 239 -2.39 9.85 27.38
C CYS B 239 -2.34 8.84 28.54
N ILE B 240 -1.30 8.02 28.59
CA ILE B 240 -1.17 7.02 29.64
C ILE B 240 -0.53 7.68 30.88
N PRO B 241 -1.20 7.64 32.04
CA PRO B 241 -0.66 8.33 33.21
C PRO B 241 0.79 7.98 33.55
N ALA B 242 1.17 6.71 33.47
CA ALA B 242 2.53 6.29 33.78
C ALA B 242 3.57 6.94 32.87
N CYS B 243 3.26 6.98 31.57
CA CYS B 243 4.11 7.60 30.59
C CYS B 243 4.26 9.10 30.88
N ARG B 244 3.14 9.76 31.09
CA ARG B 244 3.12 11.20 31.39
C ARG B 244 3.94 11.52 32.65
N GLU B 245 3.80 10.68 33.67
CA GLU B 245 4.57 10.82 34.91
C GLU B 245 6.07 10.84 34.63
N ALA B 246 6.53 9.93 33.79
CA ALA B 246 7.94 9.87 33.39
C ALA B 246 8.37 11.13 32.64
N VAL B 247 7.52 11.56 31.73
CA VAL B 247 7.81 12.74 30.93
C VAL B 247 8.02 13.95 31.85
N HIS B 248 7.10 14.16 32.77
CA HIS B 248 7.21 15.33 33.64
C HIS B 248 8.36 15.22 34.63
N GLU B 249 8.61 14.03 35.15
CA GLU B 249 9.74 13.84 36.06
C GLU B 249 11.05 14.15 35.33
N TYR B 250 11.18 13.68 34.09
CA TYR B 250 12.39 13.90 33.33
C TYR B 250 12.59 15.39 33.01
N ARG B 251 11.54 16.02 32.52
CA ARG B 251 11.60 17.42 32.15
C ARG B 251 11.92 18.30 33.36
N ASP B 252 11.34 17.99 34.51
CA ASP B 252 11.61 18.75 35.74
C ASP B 252 13.06 18.58 36.16
N ARG B 253 13.56 17.36 36.10
CA ARG B 253 14.93 17.06 36.48
C ARG B 253 15.94 17.85 35.64
N HIS B 254 15.65 17.98 34.35
CA HIS B 254 16.59 18.59 33.42
C HIS B 254 16.29 20.03 33.11
N GLY B 255 15.26 20.59 33.71
CA GLY B 255 14.87 21.98 33.44
C GLY B 255 14.42 22.21 32.02
N ILE B 256 13.71 21.24 31.46
CA ILE B 256 13.20 21.33 30.10
C ILE B 256 11.83 21.99 30.10
N SER B 257 11.71 23.12 29.42
CA SER B 257 10.44 23.84 29.34
C SER B 257 9.90 23.97 27.91
N ASP B 258 10.47 23.22 26.97
CA ASP B 258 10.01 23.27 25.57
C ASP B 258 8.54 22.87 25.48
N GLU B 259 7.75 23.67 24.79
CA GLU B 259 6.31 23.51 24.71
C GLU B 259 5.92 22.09 24.29
N ILE B 260 5.01 21.48 25.05
CA ILE B 260 4.42 20.19 24.70
C ILE B 260 3.22 20.45 23.80
N VAL B 261 3.30 19.95 22.57
CA VAL B 261 2.29 20.16 21.53
C VAL B 261 1.52 18.88 21.28
N GLU B 262 0.20 18.96 21.41
CA GLU B 262 -0.64 17.81 21.24
C GLU B 262 -0.84 17.47 19.76
N ILE B 263 -0.78 16.19 19.43
CA ILE B 263 -0.95 15.71 18.04
C ILE B 263 -2.39 15.21 17.80
N ASP B 264 -2.86 14.34 18.68
CA ASP B 264 -4.19 13.75 18.56
C ASP B 264 -4.69 13.46 19.98
N ARG B 265 -5.45 12.39 20.19
CA ARG B 265 -5.92 12.10 21.54
C ARG B 265 -4.92 11.31 22.37
N GLN B 266 -3.78 10.94 21.80
CA GLN B 266 -2.78 10.10 22.47
C GLN B 266 -1.42 10.77 22.55
N GLY B 267 -0.93 11.25 21.42
CA GLY B 267 0.45 11.67 21.29
C GLY B 267 0.68 13.16 21.45
N VAL B 268 1.90 13.47 21.90
CA VAL B 268 2.39 14.83 21.94
C VAL B 268 3.84 14.83 21.45
N TYR B 269 4.38 16.04 21.25
CA TYR B 269 5.79 16.17 20.97
C TYR B 269 6.30 17.51 21.45
N TRP B 270 7.61 17.62 21.55
CA TRP B 270 8.25 18.93 21.68
C TRP B 270 9.49 18.99 20.80
N ARG B 271 9.90 20.21 20.51
CA ARG B 271 11.12 20.45 19.78
C ARG B 271 12.16 20.99 20.74
N ARG B 272 13.32 20.35 20.75
CA ARG B 272 14.38 20.70 21.68
C ARG B 272 14.98 22.05 21.32
N SER B 273 14.95 22.99 22.26
CA SER B 273 15.51 24.32 22.02
C SER B 273 16.99 24.33 22.39
N SAH C . -8.40 -6.51 -14.76
CA SAH C . -8.93 -7.12 -13.50
CB SAH C . -9.43 -8.54 -13.72
CG SAH C . -10.70 -8.60 -14.59
SD SAH C . -11.58 -10.12 -14.34
C SAH C . -7.83 -7.07 -12.46
O SAH C . -7.04 -6.13 -12.50
OXT SAH C . -7.70 -7.92 -11.59
C5' SAH C . -12.81 -10.13 -15.64
C4' SAH C . -13.79 -8.98 -15.54
O4' SAH C . -14.55 -8.87 -16.76
C3' SAH C . -14.83 -9.11 -14.42
O3' SAH C . -14.83 -7.93 -13.60
C2' SAH C . -16.15 -9.30 -15.14
O2' SAH C . -17.29 -8.70 -14.50
C1' SAH C . -15.93 -8.61 -16.46
N9 SAH C . -16.64 -9.07 -17.65
C8 SAH C . -16.52 -10.29 -18.19
N7 SAH C . -17.25 -10.38 -19.34
C5 SAH C . -17.79 -9.18 -19.55
C6 SAH C . -18.65 -8.53 -20.56
N6 SAH C . -19.08 -9.21 -21.64
N1 SAH C . -18.99 -7.24 -20.39
C2 SAH C . -18.60 -6.50 -19.34
N3 SAH C . -17.83 -7.02 -18.36
C4 SAH C . -17.40 -8.30 -18.43
S DMS D . -9.99 -12.85 -10.44
O DMS D . -10.14 -11.71 -11.40
C1 DMS D . -10.89 -14.19 -10.96
C2 DMS D . -8.44 -13.48 -10.74
S DMS E . -21.71 -19.13 -10.02
O DMS E . -22.31 -20.37 -9.47
C1 DMS E . -22.86 -18.37 -11.04
C2 DMS E . -21.66 -18.00 -8.78
MG MG F . -7.31 -11.78 -16.92
CAA MVI G . -11.38 -20.11 -11.51
CAB MVI G . -10.43 -26.27 -14.55
CAC MVI G . -5.16 -29.08 -17.12
CAD MVI G . -10.91 -23.97 -21.04
CAE MVI G . -7.46 -25.50 -18.61
CAF MVI G . -6.35 -16.26 -17.13
CAG MVI G . -9.32 -32.42 -18.20
CAH MVI G . -8.94 -33.15 -15.92
OAI MVI G . -8.96 -21.37 -14.29
OAJ MVI G . -8.38 -21.98 -19.95
OAK MVI G . -6.28 -13.40 -16.24
OAL MVI G . -8.85 -12.85 -15.96
OAM MVI G . -10.45 -14.02 -14.08
OAN MVI G . -10.69 -29.60 -16.32
CAO MVI G . -10.19 -20.74 -18.20
CAP MVI G . -10.91 -20.28 -17.05
CAQ MVI G . -10.45 -21.90 -18.81
CAR MVI G . -10.59 -23.01 -14.86
CAS MVI G . -9.78 -23.98 -15.23
CAT MVI G . -10.68 -19.14 -16.41
CAU MVI G . -11.60 -19.08 -12.61
CAV MVI G . -11.47 -17.19 -15.02
CAW MVI G . -9.89 -24.94 -18.94
CAX MVI G . -7.14 -30.65 -16.99
OAY MVI G . -10.15 -16.87 -14.54
OAZ MVI G . -11.17 -20.91 -14.09
OBA MVI G . -7.39 -28.26 -17.11
OBB MVI G . -8.28 -16.43 -15.78
OBC MVI G . -9.45 -27.20 -17.09
CBD MVI G . -10.12 -21.70 -14.39
CBE MVI G . -9.42 -22.55 -19.65
CBF MVI G . -10.18 -25.33 -15.73
CBG MVI G . -6.56 -29.32 -16.60
CBH MVI G . -9.69 -23.97 -20.13
CBI MVI G . -8.74 -25.02 -17.93
CBJ MVI G . -7.49 -15.49 -16.52
CBK MVI G . -11.44 -18.70 -15.19
CBL MVI G . -7.03 -14.39 -15.57
CBM MVI G . -8.25 -13.69 -14.97
CBN MVI G . -9.22 -14.69 -14.36
CBO MVI G . -9.42 -29.56 -16.95
CBP MVI G . -10.96 -19.46 -13.92
CBQ MVI G . -9.49 -15.89 -15.29
CBR MVI G . -8.70 -28.27 -16.58
CBS MVI G . -9.06 -25.87 -16.69
CBT MVI G . -8.59 -30.77 -16.50
NBU MVI G . -9.31 -32.03 -16.79
N SAH H . 5.29 2.29 17.25
CA SAH H . 4.51 1.05 17.06
CB SAH H . 3.71 0.64 18.31
CG SAH H . 4.60 0.21 19.49
SD SAH H . 3.72 -0.73 20.70
C SAH H . 3.62 1.26 15.86
O SAH H . 2.48 0.76 15.78
OXT SAH H . 4.04 1.96 14.93
C5' SAH H . 4.87 -0.85 22.08
C4' SAH H . 6.16 -1.58 21.72
O4' SAH H . 7.11 -1.40 22.80
C3' SAH H . 6.00 -3.09 21.53
O3' SAH H . 6.57 -3.53 20.28
C2' SAH H . 6.77 -3.70 22.71
O2' SAH H . 7.48 -4.89 22.41
C1' SAH H . 7.78 -2.64 23.04
N9 SAH H . 8.29 -2.50 24.40
C8 SAH H . 7.55 -2.18 25.48
N7 SAH H . 8.33 -2.03 26.57
C5 SAH H . 9.60 -2.24 26.18
C6 SAH H . 10.93 -2.23 26.81
N6 SAH H . 11.05 -1.94 28.13
N1 SAH H . 12.01 -2.50 26.04
C2 SAH H . 11.92 -2.77 24.72
N3 SAH H . 10.74 -2.81 24.07
C4 SAH H . 9.58 -2.56 24.75
S DMS I . -1.01 -2.00 18.78
O DMS I . -1.82 -1.11 19.62
C1 DMS I . 0.59 -1.44 18.92
C2 DMS I . -0.86 -3.51 19.53
S DMS J . -4.80 -6.97 4.27
O DMS J . -4.57 -6.02 3.15
C1 DMS J . -6.36 -6.78 4.94
C2 DMS J . -4.75 -8.56 3.63
MG MG K . 1.73 4.03 21.43
CAA MVI L . -5.48 -3.06 25.01
CAB MVI L . -9.51 -0.15 29.83
CAC MVI L . -11.49 6.20 30.93
CAD MVI L . -4.27 2.96 33.16
CAE MVI L . -7.60 4.48 30.56
CAF MVI L . -2.03 4.49 23.99
CAG MVI L . -13.23 2.71 34.99
CAH MVI L . -15.07 2.90 33.41
OAI MVI L . -6.02 0.58 26.22
OAJ MVI L . -4.10 4.47 30.06
OAK MVI L . -0.32 4.31 21.55
OAL MVI L . 1.19 2.14 22.15
OAM MVI L . 0.06 -0.41 22.26
OAN MVI L . -11.48 0.87 32.73
CAO MVI L . -3.24 1.99 28.99
CAP MVI L . -3.13 0.72 28.32
CAQ MVI L . -3.79 2.13 30.21
CAR MVI L . -6.52 -0.31 28.37
CAS MVI L . -7.43 0.57 28.70
CAT MVI L . -2.65 0.55 27.09
CAU MVI L . -4.05 -2.56 25.14
CAV MVI L . -1.47 -0.90 25.36
CAW MVI L . -6.39 2.65 31.81
CAX MVI L . -12.62 4.44 32.36
OAY MVI L . -1.96 -0.16 24.24
OAZ MVI L . -4.95 -1.27 26.95
OBA MVI L . -10.45 4.10 31.36
OBB MVI L . -1.91 2.12 24.02
OBC MVI L . -9.25 2.13 31.57
CBD MVI L . -5.83 -0.26 27.06
CBE MVI L . -4.30 3.44 30.69
CBF MVI L . -8.20 0.62 30.00
CBG MVI L . -11.74 4.73 31.16
CBH MVI L . -5.10 3.47 31.98
CBI MVI L . -7.21 3.01 30.56
CBJ MVI L . -1.20 3.29 23.57
CBK MVI L . -2.57 -0.80 26.42
CBL MVI L . -1.00 3.19 22.06
CBM MVI L . -0.18 1.94 21.75
CBN MVI L . -0.81 0.70 22.37
CBO MVI L . -11.36 2.29 32.68
CBP MVI L . -3.96 -1.23 25.87
CBQ MVI L . -1.17 0.91 23.84
CBR MVI L . -10.54 2.68 31.46
CBS MVI L . -8.45 2.12 30.38
CBT MVI L . -12.76 2.92 32.56
NBU MVI L . -13.69 2.46 33.61
#